data_3GWF
#
_entry.id   3GWF
#
_cell.length_a   64.279
_cell.length_b   66.958
_cell.length_c   135.996
_cell.angle_alpha   90.00
_cell.angle_beta   90.00
_cell.angle_gamma   90.00
#
_symmetry.space_group_name_H-M   'P 21 21 21'
#
loop_
_entity.id
_entity.type
_entity.pdbx_description
1 polymer 'Cyclohexanone monooxygenase'
2 non-polymer 'FLAVIN-ADENINE DINUCLEOTIDE'
3 non-polymer 'NADP NICOTINAMIDE-ADENINE-DINUCLEOTIDE PHOSPHATE'
4 water water
#
_entity_poly.entity_id   1
_entity_poly.type   'polypeptide(L)'
_entity_poly.pdbx_seq_one_letter_code
;MTAQTTHTVDAVVIGAGFGGIYAVHKLHHELGLTTVGFDKADGPGGTWYWNRYPGALSDTESHLYRFSFDRDLLQESTWK
TTYITQPEILEYLEDVVDRFDLRRHFKFGTEVTSALYLDDENLWEVTTDHGEVYRAKYVVNAVGLLSAINFPNLPGLDTF
EGETIHTAAWPEGKSLAGRRVGVIGTGSTGQQVITSLAPEVEHLTVFVRTPQYSVPVGNRPVNPEQIAEIKADYDRIWER
AKNSAVAFGFEESTLPAMSVSEEERNRIFQEAWDHGGGFRFMFGTFGDIATDEAANEAAASFIRAKVAEIIEDPETARKL
MPKGLFAKRPLCDSGYYEVYNRPNVEAVAIKENPIREVTAKGVVTEDGVLHELDVLVFATGFDAVDGNYRRIEIRGRDGL
HINDHWDGQPTSYLGVSTANFPNWFMVLGPNGPFTNLPPSIETQVEWISDTIGYAERNGVRAIEPTPEAEAEWTETCTEI
ANATLFTKGDSWIFGANIPGKKPSVLFYLGGLRNYRAVMAEVAADGYRGFEVKSAEMVTV
;
_entity_poly.pdbx_strand_id   A
#
loop_
_chem_comp.id
_chem_comp.type
_chem_comp.name
_chem_comp.formula
FAD non-polymer 'FLAVIN-ADENINE DINUCLEOTIDE' 'C27 H33 N9 O15 P2'
NAP non-polymer 'NADP NICOTINAMIDE-ADENINE-DINUCLEOTIDE PHOSPHATE' 'C21 H28 N7 O17 P3'
#
# COMPACT_ATOMS: atom_id res chain seq x y z
N THR A 6 8.66 32.81 -4.19
CA THR A 6 10.15 33.00 -4.16
C THR A 6 10.90 32.14 -5.16
N HIS A 7 10.82 30.81 -5.04
CA HIS A 7 11.50 29.93 -5.98
C HIS A 7 10.59 29.61 -7.13
N THR A 8 11.04 29.93 -8.34
CA THR A 8 10.33 29.56 -9.56
C THR A 8 10.90 28.25 -10.07
N VAL A 9 10.06 27.21 -10.09
CA VAL A 9 10.45 25.90 -10.63
C VAL A 9 9.46 25.44 -11.71
N ASP A 10 9.83 24.42 -12.46
CA ASP A 10 8.92 23.88 -13.47
C ASP A 10 7.93 22.97 -12.76
N ALA A 11 8.43 22.16 -11.83
CA ALA A 11 7.61 21.11 -11.22
C ALA A 11 7.89 20.89 -9.74
N VAL A 12 6.83 20.54 -9.02
CA VAL A 12 6.91 20.18 -7.61
C VAL A 12 6.45 18.74 -7.43
N VAL A 13 7.23 17.95 -6.70
CA VAL A 13 6.80 16.60 -6.36
C VAL A 13 6.63 16.47 -4.84
N ILE A 14 5.44 16.03 -4.42
CA ILE A 14 5.22 15.77 -3.01
C ILE A 14 5.33 14.28 -2.70
N GLY A 15 6.37 13.94 -1.93
CA GLY A 15 6.56 12.59 -1.41
C GLY A 15 7.84 12.00 -1.95
N ALA A 16 8.53 11.21 -1.13
CA ALA A 16 9.76 10.55 -1.57
C ALA A 16 9.73 9.03 -1.41
N GLY A 17 8.55 8.43 -1.66
CA GLY A 17 8.43 6.97 -1.76
C GLY A 17 8.72 6.55 -3.18
N PHE A 18 8.43 5.30 -3.50
CA PHE A 18 8.48 4.83 -4.90
C PHE A 18 7.99 5.88 -5.89
N GLY A 19 6.82 6.46 -5.64
CA GLY A 19 6.16 7.36 -6.60
C GLY A 19 6.89 8.68 -6.79
N GLY A 20 7.23 9.35 -5.70
CA GLY A 20 7.94 10.63 -5.78
C GLY A 20 9.37 10.50 -6.29
N ILE A 21 10.05 9.43 -5.90
CA ILE A 21 11.42 9.17 -6.37
C ILE A 21 11.44 9.05 -7.92
N TYR A 22 10.56 8.22 -8.47
CA TYR A 22 10.47 8.03 -9.91
C TYR A 22 9.95 9.29 -10.64
N ALA A 23 9.01 10.01 -10.03
CA ALA A 23 8.52 11.28 -10.62
C ALA A 23 9.64 12.31 -10.73
N VAL A 24 10.48 12.42 -9.68
CA VAL A 24 11.59 13.39 -9.77
C VAL A 24 12.57 12.96 -10.85
N HIS A 25 12.93 11.67 -10.86
CA HIS A 25 13.79 11.16 -11.92
C HIS A 25 13.23 11.51 -13.28
N LYS A 26 11.98 11.11 -13.55
CA LYS A 26 11.41 11.34 -14.89
C LYS A 26 11.40 12.81 -15.30
N LEU A 27 10.89 13.67 -14.42
CA LEU A 27 10.78 15.11 -14.72
C LEU A 27 12.13 15.78 -14.88
N HIS A 28 13.09 15.43 -14.05
CA HIS A 28 14.39 16.05 -14.13
C HIS A 28 15.18 15.49 -15.31
N HIS A 29 15.33 14.17 -15.35
CA HIS A 29 16.25 13.54 -16.30
C HIS A 29 15.67 13.49 -17.70
N GLU A 30 14.46 12.95 -17.82
CA GLU A 30 13.87 12.79 -19.14
C GLU A 30 13.31 14.08 -19.75
N LEU A 31 12.61 14.90 -18.97
CA LEU A 31 11.98 16.08 -19.56
C LEU A 31 12.81 17.37 -19.45
N GLY A 32 13.87 17.30 -18.64
CA GLY A 32 14.79 18.42 -18.45
C GLY A 32 14.20 19.55 -17.63
N LEU A 33 13.24 19.23 -16.78
CA LEU A 33 12.52 20.27 -16.04
C LEU A 33 13.21 20.53 -14.73
N THR A 34 13.17 21.78 -14.25
CA THR A 34 13.67 22.02 -12.90
C THR A 34 12.60 21.66 -11.87
N THR A 35 12.96 20.70 -11.02
CA THR A 35 12.02 19.91 -10.23
C THR A 35 12.51 19.87 -8.80
N VAL A 36 11.61 20.17 -7.86
CA VAL A 36 11.92 20.04 -6.44
C VAL A 36 10.94 19.03 -5.84
N GLY A 37 11.46 18.10 -5.04
CA GLY A 37 10.63 17.15 -4.32
C GLY A 37 10.62 17.48 -2.84
N PHE A 38 9.58 17.04 -2.15
CA PHE A 38 9.40 17.30 -0.72
C PHE A 38 8.99 16.04 0.00
N ASP A 39 9.55 15.84 1.18
CA ASP A 39 8.98 14.86 2.11
C ASP A 39 9.15 15.33 3.54
N LYS A 40 8.11 15.10 4.34
CA LYS A 40 8.15 15.32 5.80
C LYS A 40 9.25 14.46 6.42
N ALA A 41 9.42 13.25 5.87
CA ALA A 41 10.48 12.35 6.30
C ALA A 41 11.86 12.98 6.14
N ASP A 42 12.78 12.60 7.01
CA ASP A 42 14.18 13.03 6.90
C ASP A 42 14.97 12.33 5.79
N GLY A 43 14.38 11.33 5.15
CA GLY A 43 15.04 10.68 4.01
C GLY A 43 14.05 10.02 3.08
N PRO A 44 14.54 9.46 1.94
CA PRO A 44 13.63 8.87 1.01
C PRO A 44 13.17 7.50 1.51
N GLY A 45 12.16 6.94 0.85
CA GLY A 45 11.65 5.63 1.24
C GLY A 45 10.13 5.60 1.40
N GLY A 46 9.56 6.73 1.81
CA GLY A 46 8.13 6.84 2.04
C GLY A 46 7.64 5.87 3.10
N THR A 47 6.68 5.01 2.75
CA THR A 47 6.18 4.05 3.73
C THR A 47 7.27 3.13 4.33
N TRP A 48 8.31 2.85 3.55
CA TRP A 48 9.45 2.06 4.05
C TRP A 48 10.41 2.84 4.93
N TYR A 49 10.27 4.16 4.98
CA TYR A 49 11.00 4.98 5.96
C TYR A 49 10.23 5.04 7.27
N TRP A 50 8.90 5.15 7.18
CA TRP A 50 8.04 5.33 8.35
C TRP A 50 7.84 4.02 9.14
N ASN A 51 7.56 2.94 8.41
CA ASN A 51 7.22 1.65 9.02
C ASN A 51 8.44 0.78 9.17
N ARG A 52 8.93 0.70 10.40
CA ARG A 52 10.15 0.00 10.75
CA ARG A 52 10.15 -0.01 10.75
C ARG A 52 9.88 -1.05 11.84
N TYR A 53 8.63 -1.44 11.98
CA TYR A 53 8.26 -2.46 12.96
C TYR A 53 8.89 -3.82 12.65
N PRO A 54 9.11 -4.66 13.69
CA PRO A 54 9.71 -5.96 13.42
C PRO A 54 8.79 -6.87 12.60
N GLY A 55 9.36 -7.59 11.63
CA GLY A 55 8.59 -8.49 10.79
C GLY A 55 7.94 -7.80 9.61
N ALA A 56 8.18 -6.49 9.46
CA ALA A 56 7.71 -5.75 8.28
C ALA A 56 8.29 -6.39 7.02
N LEU A 57 7.38 -6.84 6.14
CA LEU A 57 7.72 -7.65 5.01
C LEU A 57 6.75 -7.35 3.88
N SER A 58 7.26 -7.37 2.64
CA SER A 58 6.43 -7.21 1.44
C SER A 58 5.46 -8.39 1.23
N ASP A 59 4.40 -8.18 0.47
CA ASP A 59 3.57 -9.30 0.03
C ASP A 59 3.76 -9.59 -1.45
N THR A 60 4.63 -8.78 -2.07
CA THR A 60 5.16 -8.98 -3.42
C THR A 60 6.55 -9.62 -3.31
N GLU A 61 6.79 -10.68 -4.09
CA GLU A 61 8.11 -11.33 -4.11
C GLU A 61 9.23 -10.33 -4.40
N SER A 62 10.41 -10.54 -3.81
CA SER A 62 11.48 -9.51 -3.84
C SER A 62 11.85 -9.04 -5.24
N HIS A 63 11.91 -9.98 -6.19
CA HIS A 63 12.38 -9.69 -7.55
C HIS A 63 11.43 -8.79 -8.31
N LEU A 64 10.19 -8.68 -7.83
CA LEU A 64 9.14 -7.88 -8.47
C LEU A 64 8.73 -6.62 -7.65
N TYR A 65 9.27 -6.45 -6.45
CA TYR A 65 8.92 -5.31 -5.63
C TYR A 65 10.00 -4.23 -5.76
N ARG A 66 10.00 -3.60 -6.94
CA ARG A 66 11.08 -2.72 -7.36
C ARG A 66 10.74 -2.09 -8.68
N PHE A 67 11.57 -1.14 -9.11
CA PHE A 67 11.39 -0.56 -10.44
C PHE A 67 11.85 -1.54 -11.52
N SER A 68 11.34 -1.39 -12.73
CA SER A 68 11.78 -2.23 -13.84
C SER A 68 12.34 -1.41 -14.98
N PHE A 69 12.40 -0.09 -14.83
CA PHE A 69 12.80 0.77 -15.95
C PHE A 69 14.31 0.74 -16.28
N ASP A 70 15.16 0.42 -15.30
CA ASP A 70 16.62 0.37 -15.54
C ASP A 70 17.08 -1.08 -15.63
N ARG A 71 17.44 -1.52 -16.83
CA ARG A 71 17.76 -2.94 -17.06
C ARG A 71 19.07 -3.36 -16.38
N ASP A 72 20.01 -2.41 -16.29
CA ASP A 72 21.25 -2.62 -15.54
C ASP A 72 21.00 -2.71 -14.04
N LEU A 73 20.12 -1.88 -13.48
CA LEU A 73 19.82 -1.94 -12.04
C LEU A 73 19.25 -3.30 -11.61
N LEU A 74 18.34 -3.85 -12.43
CA LEU A 74 17.78 -5.17 -12.19
C LEU A 74 18.83 -6.28 -12.15
N GLN A 75 19.91 -6.14 -12.93
CA GLN A 75 21.01 -7.12 -12.88
C GLN A 75 21.83 -6.99 -11.61
N GLU A 76 21.84 -5.80 -11.04
CA GLU A 76 22.76 -5.47 -9.95
C GLU A 76 22.26 -5.69 -8.54
N SER A 77 20.99 -5.35 -8.29
CA SER A 77 20.38 -5.55 -6.97
C SER A 77 20.43 -7.01 -6.53
N THR A 78 20.60 -7.21 -5.23
CA THR A 78 20.41 -8.52 -4.65
C THR A 78 19.39 -8.43 -3.52
N TRP A 79 19.00 -9.59 -3.00
CA TRP A 79 18.07 -9.74 -1.89
C TRP A 79 18.31 -11.11 -1.24
N LYS A 80 17.94 -11.27 0.03
CA LYS A 80 18.30 -12.45 0.80
C LYS A 80 17.26 -13.58 0.73
N THR A 81 15.99 -13.19 0.63
CA THR A 81 14.90 -14.17 0.73
C THR A 81 13.89 -13.90 -0.38
N THR A 82 12.93 -14.80 -0.57
CA THR A 82 11.97 -14.65 -1.67
C THR A 82 11.03 -13.45 -1.52
N TYR A 83 10.82 -13.00 -0.27
CA TYR A 83 10.12 -11.75 0.01
C TYR A 83 11.12 -10.78 0.62
N ILE A 84 10.79 -9.50 0.64
CA ILE A 84 11.78 -8.49 0.99
C ILE A 84 11.39 -7.69 2.24
N THR A 85 12.38 -7.42 3.10
CA THR A 85 12.12 -6.79 4.38
C THR A 85 12.24 -5.28 4.26
N GLN A 86 11.64 -4.56 5.20
CA GLN A 86 11.77 -3.11 5.25
C GLN A 86 13.23 -2.59 5.10
N PRO A 87 14.19 -3.13 5.91
CA PRO A 87 15.53 -2.56 5.72
C PRO A 87 16.09 -2.76 4.31
N GLU A 88 15.73 -3.86 3.65
CA GLU A 88 16.23 -4.14 2.31
C GLU A 88 15.58 -3.20 1.30
N ILE A 89 14.28 -3.01 1.41
CA ILE A 89 13.57 -2.10 0.53
C ILE A 89 14.07 -0.68 0.72
N LEU A 90 14.21 -0.25 1.98
CA LEU A 90 14.66 1.10 2.26
C LEU A 90 16.01 1.31 1.60
N GLU A 91 16.93 0.36 1.82
CA GLU A 91 18.24 0.37 1.18
C GLU A 91 18.16 0.49 -0.36
N TYR A 92 17.26 -0.30 -0.97
CA TYR A 92 17.06 -0.25 -2.41
C TYR A 92 16.62 1.16 -2.84
N LEU A 93 15.62 1.72 -2.17
CA LEU A 93 15.12 3.06 -2.55
C LEU A 93 16.16 4.16 -2.30
N GLU A 94 16.90 4.05 -1.20
CA GLU A 94 18.03 4.94 -0.93
C GLU A 94 19.06 4.82 -2.05
N ASP A 95 19.32 3.60 -2.51
CA ASP A 95 20.27 3.38 -3.62
C ASP A 95 19.78 3.96 -4.95
N VAL A 96 18.50 3.78 -5.29
CA VAL A 96 17.91 4.46 -6.46
C VAL A 96 18.13 5.98 -6.40
N VAL A 97 17.83 6.60 -5.25
CA VAL A 97 17.98 8.04 -5.10
C VAL A 97 19.45 8.47 -5.37
N ASP A 98 20.40 7.76 -4.80
CA ASP A 98 21.80 8.10 -5.05
C ASP A 98 22.31 7.72 -6.45
N ARG A 99 21.82 6.61 -7.00
CA ARG A 99 22.13 6.19 -8.37
C ARG A 99 21.78 7.27 -9.42
N PHE A 100 20.66 7.96 -9.23
CA PHE A 100 20.22 8.94 -10.21
C PHE A 100 20.43 10.38 -9.77
N ASP A 101 21.22 10.56 -8.71
CA ASP A 101 21.57 11.87 -8.15
C ASP A 101 20.32 12.72 -7.87
N LEU A 102 19.35 12.13 -7.16
CA LEU A 102 18.07 12.78 -6.86
C LEU A 102 18.05 13.57 -5.55
N ARG A 103 18.99 13.27 -4.67
CA ARG A 103 19.00 13.82 -3.34
C ARG A 103 19.00 15.35 -3.32
N ARG A 104 19.85 15.95 -4.17
CA ARG A 104 19.98 17.42 -4.31
C ARG A 104 18.69 18.09 -4.79
N HIS A 105 17.74 17.29 -5.28
CA HIS A 105 16.45 17.80 -5.71
C HIS A 105 15.36 17.66 -4.64
N PHE A 106 15.64 16.95 -3.56
CA PHE A 106 14.65 16.78 -2.51
C PHE A 106 14.91 17.71 -1.32
N LYS A 107 13.82 18.19 -0.74
CA LYS A 107 13.89 18.88 0.53
C LYS A 107 13.23 17.99 1.57
N PHE A 108 14.06 17.41 2.42
CA PHE A 108 13.60 16.48 3.45
C PHE A 108 13.27 17.21 4.76
N GLY A 109 12.51 16.56 5.62
CA GLY A 109 12.09 17.17 6.87
C GLY A 109 11.20 18.37 6.62
N THR A 110 10.45 18.31 5.52
CA THR A 110 9.75 19.47 4.98
C THR A 110 8.36 19.11 4.49
N GLU A 111 7.34 19.56 5.22
CA GLU A 111 5.95 19.33 4.88
C GLU A 111 5.39 20.44 3.98
N VAL A 112 4.72 20.03 2.90
CA VAL A 112 3.94 20.96 2.08
C VAL A 112 2.60 21.18 2.78
N THR A 113 2.33 22.43 3.16
CA THR A 113 1.11 22.78 3.85
C THR A 113 -0.01 23.32 2.95
N SER A 114 0.35 23.92 1.82
CA SER A 114 -0.62 24.33 0.82
C SER A 114 -0.11 24.26 -0.62
N ALA A 115 -1.07 24.19 -1.54
CA ALA A 115 -0.83 24.21 -2.97
C ALA A 115 -2.03 24.92 -3.56
N LEU A 116 -1.81 26.15 -3.98
CA LEU A 116 -2.88 26.98 -4.47
C LEU A 116 -2.63 27.36 -5.93
N TYR A 117 -3.65 27.12 -6.74
CA TYR A 117 -3.64 27.49 -8.12
C TYR A 117 -3.87 28.99 -8.29
N LEU A 118 -2.96 29.62 -9.04
CA LEU A 118 -3.13 31.03 -9.40
C LEU A 118 -3.70 31.09 -10.80
N ASP A 119 -4.99 31.40 -10.87
CA ASP A 119 -5.71 31.39 -12.14
C ASP A 119 -5.10 32.27 -13.22
N ASP A 120 -4.75 33.50 -12.84
CA ASP A 120 -4.19 34.46 -13.79
C ASP A 120 -2.86 34.00 -14.41
N GLU A 121 -2.01 33.36 -13.63
CA GLU A 121 -0.68 32.99 -14.12
C GLU A 121 -0.52 31.55 -14.56
N ASN A 122 -1.53 30.72 -14.28
CA ASN A 122 -1.45 29.29 -14.59
C ASN A 122 -0.24 28.67 -13.91
N LEU A 123 -0.11 28.98 -12.63
CA LEU A 123 0.95 28.45 -11.81
C LEU A 123 0.36 27.91 -10.51
N TRP A 124 1.07 27.00 -9.89
CA TRP A 124 0.76 26.53 -8.56
C TRP A 124 1.69 27.17 -7.57
N GLU A 125 1.12 27.76 -6.52
CA GLU A 125 1.90 28.34 -5.42
C GLU A 125 1.91 27.34 -4.27
N VAL A 126 3.09 26.82 -3.99
CA VAL A 126 3.26 25.77 -3.01
C VAL A 126 4.11 26.30 -1.85
N THR A 127 3.62 26.10 -0.63
CA THR A 127 4.28 26.58 0.58
C THR A 127 4.59 25.41 1.51
N THR A 128 5.73 25.53 2.21
CA THR A 128 6.16 24.55 3.20
C THR A 128 5.88 25.03 4.62
N ASP A 129 5.95 24.09 5.56
CA ASP A 129 5.75 24.38 6.98
C ASP A 129 6.80 25.32 7.60
N HIS A 130 7.93 25.51 6.91
CA HIS A 130 8.93 26.50 7.32
C HIS A 130 8.80 27.85 6.60
N GLY A 131 7.74 28.01 5.84
CA GLY A 131 7.46 29.28 5.19
C GLY A 131 8.05 29.52 3.80
N GLU A 132 8.67 28.50 3.22
CA GLU A 132 9.25 28.61 1.89
C GLU A 132 8.15 28.52 0.83
N VAL A 133 8.25 29.33 -0.23
CA VAL A 133 7.21 29.39 -1.27
C VAL A 133 7.81 29.05 -2.64
N TYR A 134 7.13 28.15 -3.35
CA TYR A 134 7.55 27.70 -4.68
C TYR A 134 6.43 27.95 -5.69
N ARG A 135 6.77 28.55 -6.82
CA ARG A 135 5.82 28.68 -7.92
C ARG A 135 6.18 27.70 -9.02
N ALA A 136 5.22 26.86 -9.39
CA ALA A 136 5.50 25.73 -10.30
C ALA A 136 4.44 25.62 -11.37
N LYS A 137 4.83 25.19 -12.57
CA LYS A 137 3.87 24.88 -13.61
C LYS A 137 3.09 23.57 -13.32
N TYR A 138 3.74 22.60 -12.69
CA TYR A 138 3.17 21.27 -12.48
C TYR A 138 3.35 20.82 -11.05
N VAL A 139 2.35 20.08 -10.56
CA VAL A 139 2.43 19.46 -9.25
C VAL A 139 2.15 17.97 -9.42
N VAL A 140 3.08 17.16 -8.94
CA VAL A 140 2.84 15.72 -8.93
C VAL A 140 2.76 15.31 -7.48
N ASN A 141 1.61 14.75 -7.09
CA ASN A 141 1.36 14.32 -5.71
C ASN A 141 1.56 12.82 -5.60
N ALA A 142 2.63 12.41 -4.94
CA ALA A 142 2.84 11.00 -4.58
C ALA A 142 2.85 10.89 -3.05
N VAL A 143 1.68 11.11 -2.45
CA VAL A 143 1.58 11.27 -0.98
C VAL A 143 1.24 10.01 -0.17
N GLY A 144 0.94 8.91 -0.85
CA GLY A 144 0.59 7.66 -0.19
C GLY A 144 -0.61 7.69 0.76
N LEU A 145 -0.67 6.71 1.65
CA LEU A 145 -1.85 6.51 2.47
C LEU A 145 -1.59 6.75 3.95
N LEU A 146 -0.34 6.94 4.31
CA LEU A 146 0.01 7.17 5.71
C LEU A 146 -0.43 8.56 6.16
N SER A 147 -1.74 8.74 6.29
CA SER A 147 -2.33 9.93 6.88
C SER A 147 -2.10 9.90 8.40
N ALA A 148 -2.94 10.62 9.15
CA ALA A 148 -2.85 10.65 10.60
C ALA A 148 -2.93 9.24 11.21
N ILE A 149 -2.06 9.01 12.19
CA ILE A 149 -1.89 7.71 12.84
C ILE A 149 -3.09 7.37 13.76
N ASN A 150 -3.86 6.34 13.40
CA ASN A 150 -5.04 5.95 14.21
C ASN A 150 -4.62 5.30 15.53
N PHE A 151 -4.72 6.09 16.61
CA PHE A 151 -4.12 5.81 17.91
C PHE A 151 -5.20 5.79 19.02
N PRO A 152 -6.01 4.71 19.08
CA PRO A 152 -7.36 4.71 19.69
C PRO A 152 -7.46 5.23 21.12
N ASN A 153 -8.66 5.68 21.47
CA ASN A 153 -8.90 6.39 22.71
C ASN A 153 -9.49 5.44 23.76
N LEU A 154 -8.64 4.56 24.28
CA LEU A 154 -9.02 3.66 25.37
C LEU A 154 -8.97 4.44 26.68
N PRO A 155 -10.00 4.29 27.52
CA PRO A 155 -10.02 4.97 28.82
C PRO A 155 -8.79 4.64 29.66
N GLY A 156 -8.18 5.66 30.24
CA GLY A 156 -7.02 5.49 31.10
C GLY A 156 -5.67 5.28 30.42
N LEU A 157 -5.61 5.47 29.12
CA LEU A 157 -4.36 5.25 28.37
C LEU A 157 -3.17 6.06 28.88
N ASP A 158 -3.44 7.29 29.30
CA ASP A 158 -2.45 8.18 29.91
C ASP A 158 -1.76 7.59 31.14
N THR A 159 -2.47 6.72 31.87
CA THR A 159 -1.99 6.18 33.15
C THR A 159 -0.99 5.04 32.98
N PHE A 160 -0.99 4.37 31.84
CA PHE A 160 -0.07 3.26 31.59
C PHE A 160 1.37 3.68 31.91
N GLU A 161 2.04 2.91 32.75
CA GLU A 161 3.41 3.24 33.14
C GLU A 161 4.49 2.64 32.21
N GLY A 162 4.08 1.71 31.35
CA GLY A 162 4.99 1.08 30.40
C GLY A 162 5.10 1.87 29.11
N GLU A 163 5.68 1.28 28.09
CA GLU A 163 5.79 1.97 26.80
C GLU A 163 4.60 1.67 25.90
N THR A 164 4.09 2.73 25.29
CA THR A 164 3.02 2.63 24.30
C THR A 164 3.61 2.91 22.91
N ILE A 165 3.39 1.98 21.98
CA ILE A 165 4.03 2.07 20.66
C ILE A 165 2.99 1.91 19.55
N HIS A 166 3.06 2.77 18.52
CA HIS A 166 2.34 2.49 17.30
C HIS A 166 3.36 1.93 16.32
N THR A 167 2.93 0.99 15.49
CA THR A 167 3.80 0.34 14.49
C THR A 167 4.37 1.30 13.44
N ALA A 168 3.67 2.39 13.16
CA ALA A 168 4.18 3.40 12.22
C ALA A 168 5.14 4.41 12.88
N ALA A 169 5.38 4.28 14.18
CA ALA A 169 6.43 5.06 14.84
C ALA A 169 7.25 4.20 15.79
N TRP A 170 7.74 3.07 15.28
CA TRP A 170 8.58 2.16 16.06
C TRP A 170 9.94 2.75 16.40
N PRO A 171 10.30 2.75 17.70
CA PRO A 171 11.61 3.27 18.16
C PRO A 171 12.77 2.42 17.62
N GLU A 172 13.77 3.07 17.03
CA GLU A 172 14.84 2.39 16.27
C GLU A 172 15.57 1.29 17.06
N GLY A 173 16.06 1.62 18.25
CA GLY A 173 16.69 0.62 19.10
C GLY A 173 15.76 -0.50 19.52
N LYS A 174 14.47 -0.15 19.70
CA LYS A 174 13.52 -0.93 20.52
C LYS A 174 13.34 -2.39 20.18
N SER A 175 13.76 -3.20 21.13
CA SER A 175 13.49 -4.63 21.15
C SER A 175 12.69 -4.91 22.42
N LEU A 176 11.62 -5.69 22.25
CA LEU A 176 10.71 -6.02 23.35
C LEU A 176 10.99 -7.40 23.93
N ALA A 177 12.21 -7.89 23.69
CA ALA A 177 12.63 -9.20 24.16
C ALA A 177 12.54 -9.27 25.68
N GLY A 178 11.92 -10.33 26.19
CA GLY A 178 11.82 -10.57 27.63
C GLY A 178 10.79 -9.72 28.33
N ARG A 179 9.93 -9.06 27.57
CA ARG A 179 8.92 -8.16 28.12
C ARG A 179 7.51 -8.70 27.98
N ARG A 180 6.58 -8.15 28.75
CA ARG A 180 5.18 -8.52 28.64
C ARG A 180 4.50 -7.55 27.71
N VAL A 181 3.98 -8.07 26.60
CA VAL A 181 3.55 -7.24 25.49
C VAL A 181 2.09 -7.49 25.11
N GLY A 182 1.39 -6.41 24.86
CA GLY A 182 0.04 -6.47 24.34
C GLY A 182 0.06 -5.85 22.97
N VAL A 183 -0.63 -6.46 22.02
CA VAL A 183 -0.81 -5.91 20.68
C VAL A 183 -2.30 -5.72 20.42
N ILE A 184 -2.68 -4.53 19.97
CA ILE A 184 -4.04 -4.27 19.51
C ILE A 184 -4.03 -4.08 18.00
N GLY A 185 -4.75 -4.95 17.29
CA GLY A 185 -4.83 -4.88 15.82
C GLY A 185 -4.30 -6.11 15.12
N THR A 186 -5.08 -6.68 14.22
CA THR A 186 -4.70 -7.93 13.53
C THR A 186 -4.84 -7.83 12.00
N GLY A 187 -4.59 -6.64 11.46
CA GLY A 187 -4.43 -6.47 10.03
C GLY A 187 -3.10 -7.06 9.61
N SER A 188 -2.65 -6.75 8.40
CA SER A 188 -1.36 -7.23 7.90
C SER A 188 -0.23 -6.85 8.85
N THR A 189 -0.22 -5.59 9.29
CA THR A 189 0.82 -5.09 10.17
C THR A 189 0.85 -5.82 11.52
N GLY A 190 -0.31 -5.93 12.16
CA GLY A 190 -0.42 -6.59 13.46
C GLY A 190 -0.02 -8.05 13.44
N GLN A 191 -0.49 -8.78 12.43
CA GLN A 191 -0.08 -10.18 12.22
C GLN A 191 1.44 -10.31 12.13
N GLN A 192 2.05 -9.45 11.33
CA GLN A 192 3.49 -9.42 11.14
C GLN A 192 4.25 -9.16 12.44
N VAL A 193 3.79 -8.18 13.23
CA VAL A 193 4.42 -7.86 14.51
C VAL A 193 4.30 -9.04 15.50
N ILE A 194 3.10 -9.61 15.58
CA ILE A 194 2.80 -10.73 16.46
C ILE A 194 3.71 -11.92 16.21
N THR A 195 3.86 -12.29 14.95
CA THR A 195 4.65 -13.44 14.56
C THR A 195 6.12 -13.19 14.89
N SER A 196 6.57 -11.97 14.63
CA SER A 196 7.91 -11.53 14.99
C SER A 196 8.15 -11.57 16.51
N LEU A 197 7.16 -11.16 17.28
CA LEU A 197 7.29 -10.94 18.73
C LEU A 197 7.18 -12.21 19.55
N ALA A 198 6.26 -13.09 19.14
CA ALA A 198 5.97 -14.32 19.88
C ALA A 198 7.19 -15.08 20.43
N PRO A 199 8.21 -15.37 19.58
CA PRO A 199 9.31 -16.22 20.05
C PRO A 199 10.29 -15.57 21.04
N GLU A 200 10.24 -14.25 21.19
CA GLU A 200 11.23 -13.53 22.00
C GLU A 200 10.65 -12.81 23.22
N VAL A 201 9.33 -12.73 23.27
CA VAL A 201 8.65 -11.95 24.29
C VAL A 201 8.36 -12.84 25.52
N GLU A 202 8.37 -12.25 26.72
CA GLU A 202 8.06 -12.99 27.96
C GLU A 202 6.62 -13.49 27.90
N HIS A 203 5.71 -12.60 27.52
CA HIS A 203 4.32 -12.96 27.36
C HIS A 203 3.68 -12.07 26.30
N LEU A 204 2.73 -12.62 25.55
CA LEU A 204 2.03 -11.87 24.52
C LEU A 204 0.52 -11.97 24.66
N THR A 205 -0.14 -10.82 24.79
CA THR A 205 -1.59 -10.77 24.83
C THR A 205 -2.10 -10.03 23.58
N VAL A 206 -2.92 -10.71 22.80
CA VAL A 206 -3.42 -10.11 21.56
C VAL A 206 -4.89 -9.78 21.74
N PHE A 207 -5.23 -8.53 21.52
CA PHE A 207 -6.63 -8.09 21.55
C PHE A 207 -7.24 -8.12 20.16
N VAL A 208 -7.97 -9.20 19.86
CA VAL A 208 -8.47 -9.47 18.51
C VAL A 208 -9.88 -8.89 18.34
N ARG A 209 -10.09 -8.06 17.33
CA ARG A 209 -11.44 -7.58 17.09
C ARG A 209 -12.06 -8.33 15.92
N THR A 210 -11.37 -8.34 14.79
CA THR A 210 -11.81 -9.06 13.59
C THR A 210 -10.67 -9.92 13.07
N PRO A 211 -10.76 -11.24 13.30
CA PRO A 211 -9.82 -12.19 12.69
C PRO A 211 -9.92 -12.17 11.17
N GLN A 212 -8.77 -12.24 10.51
CA GLN A 212 -8.75 -12.12 9.06
C GLN A 212 -8.28 -13.41 8.45
N TYR A 213 -8.64 -13.60 7.19
CA TYR A 213 -8.09 -14.68 6.38
C TYR A 213 -6.62 -14.39 6.07
N SER A 214 -5.82 -15.42 6.17
CA SER A 214 -4.38 -15.30 6.02
C SER A 214 -3.86 -16.62 5.50
N VAL A 215 -2.95 -16.57 4.53
CA VAL A 215 -2.34 -17.76 3.95
C VAL A 215 -0.84 -17.63 4.17
N PRO A 216 -0.09 -18.74 4.09
CA PRO A 216 1.36 -18.67 4.20
C PRO A 216 2.01 -17.82 3.10
N VAL A 217 3.01 -17.05 3.48
CA VAL A 217 3.77 -16.24 2.52
C VAL A 217 4.83 -17.11 1.81
N GLY A 218 5.32 -18.15 2.51
CA GLY A 218 6.42 -18.99 2.00
C GLY A 218 7.69 -18.20 1.70
N ASN A 219 8.11 -17.35 2.64
CA ASN A 219 9.35 -16.58 2.54
C ASN A 219 10.57 -17.45 2.83
N ARG A 220 11.36 -17.72 1.80
CA ARG A 220 12.47 -18.67 1.90
C ARG A 220 13.78 -18.01 1.50
N PRO A 221 14.93 -18.50 2.01
CA PRO A 221 16.22 -17.99 1.55
C PRO A 221 16.41 -18.29 0.07
N VAL A 222 17.10 -17.39 -0.64
CA VAL A 222 17.48 -17.60 -2.05
C VAL A 222 18.97 -17.96 -2.13
N ASN A 223 19.33 -18.75 -3.14
CA ASN A 223 20.74 -18.96 -3.54
C ASN A 223 21.18 -17.85 -4.49
N PRO A 224 22.50 -17.66 -4.65
CA PRO A 224 22.95 -16.73 -5.72
C PRO A 224 22.69 -17.33 -7.11
N GLU A 225 22.61 -18.66 -7.18
CA GLU A 225 22.25 -19.35 -8.43
C GLU A 225 20.78 -19.12 -8.77
N GLN A 226 19.94 -19.05 -7.76
CA GLN A 226 18.50 -18.87 -7.97
C GLN A 226 18.16 -17.44 -8.42
N ILE A 227 18.84 -16.45 -7.85
CA ILE A 227 18.73 -15.06 -8.31
C ILE A 227 19.26 -14.97 -9.76
N ALA A 228 20.30 -15.74 -10.06
CA ALA A 228 20.85 -15.80 -11.42
C ALA A 228 19.82 -16.22 -12.47
N GLU A 229 18.99 -17.21 -12.13
CA GLU A 229 17.88 -17.68 -12.98
C GLU A 229 16.90 -16.53 -13.27
N ILE A 230 16.44 -15.87 -12.21
CA ILE A 230 15.53 -14.71 -12.34
C ILE A 230 16.15 -13.67 -13.26
N LYS A 231 17.40 -13.34 -12.97
CA LYS A 231 18.05 -12.23 -13.66
C LYS A 231 18.27 -12.51 -15.13
N ALA A 232 18.55 -13.77 -15.47
CA ALA A 232 18.71 -14.18 -16.87
C ALA A 232 17.40 -14.13 -17.66
N ASP A 233 16.27 -14.02 -16.96
CA ASP A 233 14.96 -14.03 -17.60
C ASP A 233 14.15 -12.77 -17.30
N TYR A 234 14.79 -11.77 -16.72
CA TYR A 234 14.09 -10.59 -16.23
C TYR A 234 13.20 -9.87 -17.26
N ASP A 235 13.67 -9.76 -18.50
CA ASP A 235 12.87 -9.14 -19.55
C ASP A 235 11.52 -9.82 -19.77
N ARG A 236 11.54 -11.15 -19.85
CA ARG A 236 10.32 -11.93 -20.01
C ARG A 236 9.43 -11.80 -18.79
N ILE A 237 10.05 -11.87 -17.61
CA ILE A 237 9.37 -11.70 -16.33
C ILE A 237 8.57 -10.40 -16.25
N TRP A 238 9.20 -9.26 -16.58
CA TRP A 238 8.51 -7.97 -16.60
C TRP A 238 7.49 -7.85 -17.74
N GLU A 239 7.78 -8.47 -18.88
CA GLU A 239 6.82 -8.53 -19.97
C GLU A 239 5.54 -9.23 -19.50
N ARG A 240 5.69 -10.35 -18.79
CA ARG A 240 4.56 -11.13 -18.29
C ARG A 240 3.76 -10.33 -17.27
N ALA A 241 4.48 -9.75 -16.29
CA ALA A 241 3.88 -8.94 -15.24
C ALA A 241 3.01 -7.81 -15.80
N LYS A 242 3.55 -7.07 -16.76
CA LYS A 242 2.84 -5.94 -17.36
C LYS A 242 1.69 -6.36 -18.28
N ASN A 243 1.68 -7.63 -18.71
CA ASN A 243 0.57 -8.20 -19.47
C ASN A 243 -0.42 -9.00 -18.62
N SER A 244 -0.26 -8.94 -17.31
CA SER A 244 -1.15 -9.65 -16.41
C SER A 244 -2.10 -8.66 -15.73
N ALA A 245 -3.05 -9.21 -14.97
CA ALA A 245 -3.95 -8.37 -14.20
C ALA A 245 -3.30 -7.81 -12.93
N VAL A 246 -2.58 -8.65 -12.19
CA VAL A 246 -2.08 -8.21 -10.88
C VAL A 246 -0.57 -8.13 -10.77
N ALA A 247 0.17 -8.72 -11.71
CA ALA A 247 1.61 -8.46 -11.82
C ALA A 247 2.44 -8.97 -10.63
N PHE A 248 2.09 -10.16 -10.13
CA PHE A 248 2.73 -10.72 -8.94
C PHE A 248 3.63 -11.90 -9.25
N GLY A 249 3.76 -12.24 -10.52
CA GLY A 249 4.72 -13.28 -10.93
C GLY A 249 4.21 -14.69 -11.01
N PHE A 250 2.90 -14.87 -10.91
CA PHE A 250 2.31 -16.19 -11.12
C PHE A 250 1.33 -16.08 -12.27
N GLU A 251 1.02 -17.21 -12.88
CA GLU A 251 0.04 -17.24 -13.94
C GLU A 251 -1.34 -17.12 -13.30
N GLU A 252 -2.10 -16.10 -13.70
CA GLU A 252 -3.46 -15.92 -13.25
C GLU A 252 -4.40 -16.99 -13.81
N SER A 253 -5.17 -17.61 -12.94
CA SER A 253 -6.05 -18.69 -13.35
C SER A 253 -7.32 -18.22 -14.07
N THR A 254 -7.74 -18.98 -15.09
CA THR A 254 -9.06 -18.77 -15.71
C THR A 254 -10.00 -19.92 -15.33
N LEU A 255 -9.56 -20.75 -14.40
CA LEU A 255 -10.26 -21.99 -14.06
C LEU A 255 -11.43 -21.73 -13.08
N PRO A 256 -12.67 -22.02 -13.51
CA PRO A 256 -13.78 -21.94 -12.56
C PRO A 256 -13.66 -23.03 -11.48
N ALA A 257 -13.75 -22.62 -10.22
CA ALA A 257 -13.51 -23.53 -9.09
C ALA A 257 -14.40 -24.77 -9.07
N MET A 258 -15.60 -24.64 -9.62
CA MET A 258 -16.58 -25.71 -9.50
C MET A 258 -16.60 -26.61 -10.72
N SER A 259 -15.74 -26.32 -11.69
CA SER A 259 -15.64 -27.12 -12.90
C SER A 259 -14.72 -28.35 -12.77
N VAL A 260 -14.11 -28.51 -11.59
CA VAL A 260 -13.31 -29.68 -11.27
C VAL A 260 -13.87 -30.34 -10.01
N SER A 261 -13.45 -31.57 -9.76
CA SER A 261 -13.90 -32.35 -8.60
C SER A 261 -13.46 -31.72 -7.31
N GLU A 262 -14.12 -32.10 -6.23
CA GLU A 262 -13.84 -31.70 -4.86
C GLU A 262 -12.40 -32.03 -4.46
N GLU A 263 -11.96 -33.23 -4.85
CA GLU A 263 -10.60 -33.68 -4.52
C GLU A 263 -9.52 -32.86 -5.26
N GLU A 264 -9.83 -32.46 -6.48
CA GLU A 264 -8.92 -31.64 -7.29
C GLU A 264 -8.88 -30.20 -6.76
N ARG A 265 -10.03 -29.69 -6.35
CA ARG A 265 -10.13 -28.35 -5.75
C ARG A 265 -9.24 -28.22 -4.52
N ASN A 266 -9.32 -29.18 -3.60
CA ASN A 266 -8.45 -29.27 -2.42
C ASN A 266 -6.96 -29.32 -2.80
N ARG A 267 -6.65 -30.20 -3.76
CA ARG A 267 -5.28 -30.32 -4.22
C ARG A 267 -4.76 -28.98 -4.74
N ILE A 268 -5.56 -28.30 -5.57
CA ILE A 268 -5.21 -26.98 -6.11
C ILE A 268 -4.94 -25.97 -4.96
N PHE A 269 -5.87 -25.89 -4.01
CA PHE A 269 -5.75 -25.00 -2.84
C PHE A 269 -4.52 -25.37 -2.00
N GLN A 270 -4.33 -26.67 -1.75
CA GLN A 270 -3.23 -27.18 -0.96
C GLN A 270 -1.88 -26.83 -1.59
N GLU A 271 -1.79 -26.97 -2.91
CA GLU A 271 -0.59 -26.61 -3.64
C GLU A 271 -0.24 -25.13 -3.44
N ALA A 272 -1.23 -24.24 -3.61
CA ALA A 272 -1.04 -22.79 -3.43
C ALA A 272 -0.68 -22.47 -1.98
N TRP A 273 -1.32 -23.18 -1.04
CA TRP A 273 -1.04 -23.04 0.38
C TRP A 273 0.42 -23.40 0.70
N ASP A 274 0.89 -24.54 0.16
CA ASP A 274 2.26 -25.00 0.37
C ASP A 274 3.28 -24.09 -0.33
N HIS A 275 2.93 -23.59 -1.51
CA HIS A 275 3.83 -22.70 -2.20
C HIS A 275 3.98 -21.37 -1.45
N GLY A 276 2.85 -20.84 -0.99
CA GLY A 276 2.80 -19.51 -0.38
C GLY A 276 2.36 -18.42 -1.35
N GLY A 277 1.78 -17.36 -0.77
CA GLY A 277 1.48 -16.11 -1.48
C GLY A 277 -0.02 -15.80 -1.46
N GLY A 278 -0.36 -14.58 -1.07
CA GLY A 278 -1.76 -14.21 -0.85
C GLY A 278 -2.52 -14.05 -2.14
N PHE A 279 -1.94 -13.28 -3.04
CA PHE A 279 -2.58 -13.09 -4.34
C PHE A 279 -2.60 -14.39 -5.14
N ARG A 280 -1.52 -15.15 -5.01
CA ARG A 280 -1.45 -16.47 -5.64
C ARG A 280 -2.60 -17.35 -5.17
N PHE A 281 -2.90 -17.32 -3.88
CA PHE A 281 -4.01 -18.10 -3.35
C PHE A 281 -5.38 -17.64 -3.88
N MET A 282 -5.53 -16.32 -4.03
CA MET A 282 -6.80 -15.71 -4.42
C MET A 282 -7.03 -15.71 -5.94
N PHE A 283 -5.94 -15.66 -6.74
CA PHE A 283 -6.03 -15.47 -8.19
C PHE A 283 -5.24 -16.47 -9.04
N GLY A 284 -4.41 -17.28 -8.39
CA GLY A 284 -3.55 -18.26 -9.07
C GLY A 284 -4.17 -19.65 -9.06
N THR A 285 -5.15 -19.84 -8.19
CA THR A 285 -5.79 -21.13 -8.00
C THR A 285 -6.96 -21.30 -8.97
N PHE A 286 -7.92 -20.37 -8.87
CA PHE A 286 -9.13 -20.39 -9.66
C PHE A 286 -9.40 -18.98 -10.17
N GLY A 287 -10.19 -18.87 -11.24
CA GLY A 287 -10.48 -17.59 -11.89
C GLY A 287 -11.62 -16.78 -11.31
N ASP A 288 -12.35 -17.35 -10.35
CA ASP A 288 -13.63 -16.78 -9.90
C ASP A 288 -13.82 -16.67 -8.37
N ILE A 289 -12.73 -16.73 -7.61
CA ILE A 289 -12.82 -16.56 -6.16
C ILE A 289 -13.45 -15.20 -5.77
N ALA A 290 -13.18 -14.16 -6.56
CA ALA A 290 -13.69 -12.81 -6.28
C ALA A 290 -15.04 -12.53 -6.93
N THR A 291 -15.49 -13.43 -7.80
CA THR A 291 -16.66 -13.23 -8.65
C THR A 291 -17.80 -14.23 -8.41
N ASP A 292 -17.49 -15.41 -7.90
CA ASP A 292 -18.48 -16.47 -7.69
C ASP A 292 -18.61 -16.82 -6.20
N GLU A 293 -19.84 -16.78 -5.70
CA GLU A 293 -20.12 -17.04 -4.27
C GLU A 293 -19.65 -18.43 -3.81
N ALA A 294 -19.89 -19.44 -4.65
CA ALA A 294 -19.46 -20.81 -4.38
C ALA A 294 -17.94 -20.95 -4.37
N ALA A 295 -17.28 -20.35 -5.36
CA ALA A 295 -15.82 -20.33 -5.42
C ALA A 295 -15.21 -19.66 -4.19
N ASN A 296 -15.79 -18.52 -3.78
CA ASN A 296 -15.29 -17.80 -2.61
C ASN A 296 -15.45 -18.62 -1.34
N GLU A 297 -16.62 -19.22 -1.17
CA GLU A 297 -16.86 -20.15 -0.05
C GLU A 297 -15.85 -21.31 -0.02
N ALA A 298 -15.54 -21.90 -1.19
CA ALA A 298 -14.54 -22.97 -1.29
C ALA A 298 -13.16 -22.49 -0.77
N ALA A 299 -12.72 -21.31 -1.20
CA ALA A 299 -11.49 -20.70 -0.70
C ALA A 299 -11.57 -20.38 0.78
N ALA A 300 -12.61 -19.64 1.16
CA ALA A 300 -12.83 -19.25 2.54
C ALA A 300 -12.83 -20.47 3.47
N SER A 301 -13.63 -21.49 3.14
CA SER A 301 -13.70 -22.66 4.05
C SER A 301 -12.42 -23.51 4.10
N PHE A 302 -11.68 -23.57 2.99
CA PHE A 302 -10.34 -24.16 3.01
C PHE A 302 -9.39 -23.49 4.04
N ILE A 303 -9.40 -22.16 4.07
CA ILE A 303 -8.58 -21.41 5.04
C ILE A 303 -9.08 -21.66 6.49
N ARG A 304 -10.40 -21.62 6.68
CA ARG A 304 -10.99 -21.91 7.98
C ARG A 304 -10.58 -23.28 8.49
N ALA A 305 -10.60 -24.30 7.62
CA ALA A 305 -10.16 -25.64 8.01
C ALA A 305 -8.68 -25.66 8.41
N LYS A 306 -7.86 -24.86 7.75
CA LYS A 306 -6.44 -24.76 8.10
C LYS A 306 -6.24 -24.16 9.49
N VAL A 307 -7.02 -23.13 9.80
CA VAL A 307 -6.97 -22.47 11.11
C VAL A 307 -7.28 -23.47 12.22
N ALA A 308 -8.35 -24.23 12.01
CA ALA A 308 -8.82 -25.27 12.94
C ALA A 308 -7.81 -26.39 13.11
N GLU A 309 -7.07 -26.70 12.06
CA GLU A 309 -6.06 -27.75 12.10
C GLU A 309 -4.79 -27.26 12.81
N ILE A 310 -4.39 -26.01 12.54
CA ILE A 310 -3.18 -25.42 13.11
C ILE A 310 -3.30 -25.10 14.61
N ILE A 311 -4.40 -24.45 14.99
CA ILE A 311 -4.62 -24.06 16.39
C ILE A 311 -5.24 -25.20 17.19
N GLU A 312 -4.49 -25.67 18.19
CA GLU A 312 -4.87 -26.85 18.98
C GLU A 312 -6.11 -26.62 19.82
N ASP A 313 -6.07 -25.60 20.69
CA ASP A 313 -7.20 -25.32 21.58
C ASP A 313 -8.38 -24.78 20.78
N PRO A 314 -9.52 -25.50 20.80
CA PRO A 314 -10.72 -25.10 20.05
C PRO A 314 -11.37 -23.80 20.54
N GLU A 315 -11.03 -23.36 21.75
CA GLU A 315 -11.49 -22.05 22.22
C GLU A 315 -10.63 -20.93 21.65
N THR A 316 -9.32 -21.17 21.62
CA THR A 316 -8.37 -20.27 20.94
C THR A 316 -8.71 -20.21 19.44
N ALA A 317 -8.95 -21.38 18.84
CA ALA A 317 -9.33 -21.50 17.42
C ALA A 317 -10.61 -20.74 17.06
N ARG A 318 -11.61 -20.80 17.94
CA ARG A 318 -12.87 -20.09 17.73
C ARG A 318 -12.69 -18.57 17.68
N LYS A 319 -11.81 -18.02 18.52
CA LYS A 319 -11.55 -16.57 18.57
C LYS A 319 -10.80 -16.04 17.33
N LEU A 320 -9.95 -16.88 16.76
CA LEU A 320 -9.13 -16.50 15.62
C LEU A 320 -9.75 -16.86 14.28
N MET A 321 -10.93 -17.46 14.32
CA MET A 321 -11.55 -18.02 13.11
C MET A 321 -12.07 -16.91 12.20
N PRO A 322 -11.50 -16.78 10.99
CA PRO A 322 -12.01 -15.80 10.03
C PRO A 322 -13.41 -16.19 9.50
N LYS A 323 -14.25 -15.19 9.25
CA LYS A 323 -15.62 -15.40 8.79
C LYS A 323 -15.98 -14.47 7.65
N GLY A 324 -17.01 -14.85 6.89
CA GLY A 324 -17.53 -14.05 5.79
C GLY A 324 -16.74 -14.23 4.51
N LEU A 325 -16.94 -13.28 3.59
CA LEU A 325 -16.30 -13.28 2.27
C LEU A 325 -14.79 -13.16 2.36
N PHE A 326 -14.13 -13.82 1.42
CA PHE A 326 -12.69 -13.80 1.30
C PHE A 326 -12.40 -12.76 0.23
N ALA A 327 -12.05 -11.55 0.65
CA ALA A 327 -11.96 -10.42 -0.29
C ALA A 327 -10.91 -9.36 0.08
N LYS A 328 -10.79 -8.34 -0.76
CA LYS A 328 -9.79 -7.27 -0.59
C LYS A 328 -8.37 -7.87 -0.64
N ARG A 329 -7.35 -7.09 -0.27
CA ARG A 329 -5.97 -7.59 -0.31
C ARG A 329 -5.82 -8.77 0.65
N PRO A 330 -5.50 -9.98 0.11
CA PRO A 330 -5.33 -11.14 0.98
C PRO A 330 -4.09 -11.00 1.84
N LEU A 331 -4.20 -11.42 3.08
CA LEU A 331 -3.09 -11.36 3.99
C LEU A 331 -2.31 -12.65 3.84
N CYS A 332 -1.00 -12.55 3.99
CA CYS A 332 -0.15 -13.71 4.11
C CYS A 332 0.78 -13.48 5.27
N ASP A 333 1.26 -14.59 5.83
CA ASP A 333 1.94 -14.58 7.10
C ASP A 333 3.06 -15.59 7.16
N SER A 334 3.95 -15.39 8.13
CA SER A 334 5.05 -16.30 8.38
C SER A 334 4.82 -17.13 9.63
N GLY A 335 3.65 -17.77 9.75
CA GLY A 335 3.34 -18.62 10.90
C GLY A 335 2.49 -17.94 11.96
N TYR A 336 1.51 -17.15 11.52
CA TYR A 336 0.67 -16.37 12.44
C TYR A 336 -0.26 -17.25 13.31
N TYR A 337 -0.89 -18.25 12.71
CA TYR A 337 -1.86 -19.09 13.44
C TYR A 337 -1.16 -19.97 14.46
N GLU A 338 0.03 -20.45 14.11
CA GLU A 338 0.87 -21.31 14.96
C GLU A 338 1.22 -20.66 16.28
N VAL A 339 1.24 -19.33 16.28
CA VAL A 339 1.72 -18.55 17.41
C VAL A 339 0.88 -18.75 18.65
N TYR A 340 -0.42 -18.98 18.44
CA TYR A 340 -1.38 -19.10 19.52
C TYR A 340 -1.29 -20.44 20.26
N ASN A 341 -0.50 -21.37 19.71
CA ASN A 341 -0.18 -22.64 20.37
C ASN A 341 0.96 -22.48 21.38
N ARG A 342 1.55 -21.29 21.43
CA ARG A 342 2.61 -21.02 22.40
C ARG A 342 2.00 -20.78 23.77
N PRO A 343 2.54 -21.44 24.81
CA PRO A 343 2.04 -21.30 26.17
C PRO A 343 1.99 -19.85 26.63
N ASN A 344 2.94 -19.03 26.18
CA ASN A 344 3.04 -17.62 26.59
C ASN A 344 2.33 -16.63 25.64
N VAL A 345 1.30 -17.12 24.94
CA VAL A 345 0.50 -16.26 24.07
C VAL A 345 -0.99 -16.41 24.41
N GLU A 346 -1.66 -15.30 24.73
CA GLU A 346 -3.11 -15.34 24.90
C GLU A 346 -3.85 -14.42 23.94
N ALA A 347 -4.96 -14.93 23.40
CA ALA A 347 -5.84 -14.12 22.58
C ALA A 347 -7.02 -13.68 23.42
N VAL A 348 -7.40 -12.42 23.24
CA VAL A 348 -8.53 -11.85 23.92
C VAL A 348 -9.46 -11.36 22.82
N ALA A 349 -10.66 -11.93 22.76
CA ALA A 349 -11.64 -11.54 21.75
C ALA A 349 -12.48 -10.38 22.26
N ILE A 350 -12.11 -9.17 21.85
CA ILE A 350 -12.66 -7.97 22.49
C ILE A 350 -14.11 -7.66 22.13
N LYS A 351 -14.63 -8.27 21.05
CA LYS A 351 -16.07 -8.16 20.74
C LYS A 351 -16.93 -8.71 21.88
N GLU A 352 -16.46 -9.78 22.51
CA GLU A 352 -17.21 -10.44 23.56
C GLU A 352 -16.66 -10.14 24.96
N ASN A 353 -15.43 -9.65 25.00
CA ASN A 353 -14.76 -9.26 26.24
C ASN A 353 -14.03 -7.95 26.03
N PRO A 354 -14.79 -6.83 25.90
CA PRO A 354 -14.22 -5.53 25.54
C PRO A 354 -13.23 -5.03 26.57
N ILE A 355 -12.32 -4.17 26.13
CA ILE A 355 -11.43 -3.46 27.02
C ILE A 355 -12.26 -2.45 27.79
N ARG A 356 -12.15 -2.50 29.11
CA ARG A 356 -12.83 -1.57 30.01
C ARG A 356 -11.94 -0.33 30.22
N GLU A 357 -10.67 -0.55 30.56
CA GLU A 357 -9.73 0.56 30.75
C GLU A 357 -8.30 0.07 30.74
N VAL A 358 -7.36 1.00 30.56
CA VAL A 358 -5.97 0.68 30.84
C VAL A 358 -5.56 1.39 32.12
N THR A 359 -4.72 0.71 32.89
CA THR A 359 -4.25 1.23 34.15
C THR A 359 -2.74 1.33 34.07
N ALA A 360 -2.09 1.70 35.19
CA ALA A 360 -0.62 1.73 35.29
C ALA A 360 0.04 0.44 34.86
N LYS A 361 -0.63 -0.68 35.16
CA LYS A 361 -0.02 -2.00 35.10
C LYS A 361 -0.38 -2.79 33.85
N GLY A 362 -1.39 -2.33 33.12
CA GLY A 362 -1.88 -3.06 31.96
C GLY A 362 -3.28 -2.70 31.52
N VAL A 363 -4.01 -3.71 31.04
CA VAL A 363 -5.35 -3.57 30.46
C VAL A 363 -6.36 -4.35 31.28
N VAL A 364 -7.45 -3.70 31.69
CA VAL A 364 -8.55 -4.41 32.34
C VAL A 364 -9.68 -4.60 31.32
N THR A 365 -10.10 -5.85 31.14
CA THR A 365 -11.25 -6.18 30.30
C THR A 365 -12.53 -6.15 31.13
N GLU A 366 -13.68 -6.23 30.47
CA GLU A 366 -14.97 -6.13 31.18
C GLU A 366 -15.22 -7.27 32.16
N ASP A 367 -14.52 -8.41 31.97
CA ASP A 367 -14.56 -9.51 32.92
C ASP A 367 -13.89 -9.11 34.24
N GLY A 368 -13.17 -7.99 34.21
CA GLY A 368 -12.53 -7.45 35.39
C GLY A 368 -11.16 -8.03 35.61
N VAL A 369 -10.60 -8.70 34.60
CA VAL A 369 -9.25 -9.23 34.75
C VAL A 369 -8.19 -8.28 34.19
N LEU A 370 -7.17 -8.02 35.02
CA LEU A 370 -6.02 -7.23 34.63
C LEU A 370 -5.09 -8.09 33.80
N HIS A 371 -4.83 -7.67 32.58
CA HIS A 371 -3.78 -8.25 31.76
C HIS A 371 -2.56 -7.35 31.99
N GLU A 372 -1.62 -7.85 32.78
CA GLU A 372 -0.45 -7.06 33.17
C GLU A 372 0.55 -7.00 32.03
N LEU A 373 0.88 -5.78 31.60
CA LEU A 373 1.76 -5.57 30.45
C LEU A 373 2.84 -4.53 30.77
N ASP A 374 4.00 -4.69 30.13
CA ASP A 374 5.06 -3.70 30.23
C ASP A 374 4.96 -2.79 29.01
N VAL A 375 4.36 -3.34 27.94
CA VAL A 375 4.36 -2.70 26.61
C VAL A 375 3.05 -2.91 25.87
N LEU A 376 2.54 -1.82 25.29
CA LEU A 376 1.33 -1.87 24.51
C LEU A 376 1.63 -1.41 23.08
N VAL A 377 1.49 -2.34 22.13
CA VAL A 377 1.66 -2.04 20.71
C VAL A 377 0.31 -1.85 20.01
N PHE A 378 0.16 -0.74 19.31
CA PHE A 378 -1.02 -0.47 18.49
C PHE A 378 -0.69 -0.70 17.03
N ALA A 379 -1.28 -1.75 16.50
CA ALA A 379 -1.17 -2.08 15.10
C ALA A 379 -2.55 -1.76 14.52
N THR A 380 -3.01 -0.56 14.83
CA THR A 380 -4.40 -0.17 14.59
C THR A 380 -4.55 0.67 13.32
N GLY A 381 -3.49 0.70 12.51
CA GLY A 381 -3.49 1.39 11.23
C GLY A 381 -3.71 2.88 11.34
N PHE A 382 -4.31 3.45 10.29
CA PHE A 382 -4.47 4.89 10.12
C PHE A 382 -5.93 5.24 9.85
N ASP A 383 -6.23 6.53 9.88
CA ASP A 383 -7.58 7.01 9.60
C ASP A 383 -7.65 7.73 8.25
N ALA A 384 -8.33 7.08 7.31
CA ALA A 384 -8.56 7.57 5.94
C ALA A 384 -7.53 7.00 4.97
N VAL A 385 -7.64 7.40 3.71
CA VAL A 385 -6.71 7.00 2.67
C VAL A 385 -6.42 8.21 1.77
N ASP A 386 -7.44 9.05 1.62
CA ASP A 386 -7.36 10.38 1.01
C ASP A 386 -6.91 11.37 2.08
N GLY A 387 -6.62 10.86 3.27
CA GLY A 387 -6.18 11.67 4.40
C GLY A 387 -5.08 12.65 4.05
N ASN A 388 -4.12 12.23 3.22
CA ASN A 388 -2.98 13.08 2.88
C ASN A 388 -3.30 14.24 1.93
N TYR A 389 -4.36 14.09 1.14
CA TYR A 389 -4.89 15.21 0.37
C TYR A 389 -5.67 16.17 1.25
N ARG A 390 -6.43 15.60 2.19
CA ARG A 390 -7.45 16.33 2.94
C ARG A 390 -6.91 17.23 4.05
N ARG A 391 -5.65 17.05 4.41
CA ARG A 391 -5.03 17.85 5.47
C ARG A 391 -4.08 18.95 4.96
N ILE A 392 -3.75 18.93 3.68
CA ILE A 392 -3.06 20.03 2.98
C ILE A 392 -4.14 20.99 2.51
N GLU A 393 -3.92 22.29 2.60
CA GLU A 393 -4.82 23.23 1.94
C GLU A 393 -4.51 23.21 0.44
N ILE A 394 -5.30 22.46 -0.33
CA ILE A 394 -5.12 22.41 -1.77
C ILE A 394 -6.29 23.13 -2.42
N ARG A 395 -5.99 24.10 -3.29
CA ARG A 395 -7.01 24.92 -3.91
C ARG A 395 -6.81 24.99 -5.41
N GLY A 396 -7.83 24.55 -6.15
CA GLY A 396 -7.77 24.55 -7.60
C GLY A 396 -8.33 25.83 -8.18
N ARG A 397 -8.93 25.73 -9.36
CA ARG A 397 -9.51 26.86 -10.08
C ARG A 397 -10.61 27.52 -9.28
N ASP A 398 -10.58 28.86 -9.28
CA ASP A 398 -11.55 29.70 -8.55
C ASP A 398 -11.48 29.53 -7.04
N GLY A 399 -10.32 29.08 -6.55
CA GLY A 399 -10.16 28.77 -5.13
C GLY A 399 -10.95 27.57 -4.62
N LEU A 400 -11.36 26.66 -5.51
CA LEU A 400 -12.09 25.47 -5.09
C LEU A 400 -11.22 24.55 -4.24
N HIS A 401 -11.60 24.35 -2.97
CA HIS A 401 -10.88 23.47 -2.06
C HIS A 401 -11.12 22.01 -2.41
N ILE A 402 -10.07 21.21 -2.27
CA ILE A 402 -10.10 19.77 -2.52
C ILE A 402 -11.19 19.04 -1.72
N ASN A 403 -11.44 19.49 -0.50
CA ASN A 403 -12.48 18.92 0.35
C ASN A 403 -13.90 19.25 -0.11
N ASP A 404 -14.06 20.42 -0.72
CA ASP A 404 -15.34 20.79 -1.31
C ASP A 404 -15.55 20.07 -2.64
N HIS A 405 -14.48 19.95 -3.42
CA HIS A 405 -14.47 19.21 -4.68
C HIS A 405 -14.81 17.72 -4.47
N TRP A 406 -14.06 17.06 -3.59
CA TRP A 406 -14.37 15.71 -3.17
C TRP A 406 -15.38 15.77 -2.02
N ASP A 407 -16.60 16.22 -2.34
CA ASP A 407 -17.66 16.37 -1.36
C ASP A 407 -18.10 14.99 -0.83
N GLY A 408 -18.20 14.01 -1.71
CA GLY A 408 -18.44 12.63 -1.31
C GLY A 408 -17.11 11.91 -1.17
N GLN A 409 -16.99 10.74 -1.80
CA GLN A 409 -15.73 10.01 -1.83
C GLN A 409 -14.74 10.72 -2.79
N PRO A 410 -13.41 10.57 -2.55
CA PRO A 410 -12.46 11.04 -3.55
C PRO A 410 -12.66 10.36 -4.90
N THR A 411 -12.48 11.11 -5.99
CA THR A 411 -12.62 10.59 -7.35
C THR A 411 -11.41 11.06 -8.13
N SER A 412 -11.21 10.44 -9.29
CA SER A 412 -10.17 10.85 -10.21
C SER A 412 -10.63 10.58 -11.62
N TYR A 413 -9.92 11.16 -12.59
CA TYR A 413 -9.94 10.66 -13.93
C TYR A 413 -8.66 9.84 -14.12
N LEU A 414 -8.84 8.55 -14.38
CA LEU A 414 -7.77 7.58 -14.66
C LEU A 414 -6.88 7.27 -13.46
N GLY A 415 -7.25 7.72 -12.27
CA GLY A 415 -6.42 7.48 -11.09
C GLY A 415 -5.38 8.55 -10.87
N VAL A 416 -5.25 9.50 -11.79
CA VAL A 416 -4.11 10.44 -11.78
C VAL A 416 -4.42 11.93 -11.80
N SER A 417 -5.69 12.28 -11.99
CA SER A 417 -6.06 13.69 -12.16
C SER A 417 -7.50 13.85 -11.71
N THR A 418 -7.89 15.09 -11.46
CA THR A 418 -9.27 15.37 -11.10
C THR A 418 -9.67 16.73 -11.65
N ALA A 419 -10.96 16.92 -11.91
CA ALA A 419 -11.44 18.15 -12.52
C ALA A 419 -11.24 19.36 -11.62
N ASN A 420 -11.05 20.53 -12.25
CA ASN A 420 -10.85 21.79 -11.55
C ASN A 420 -9.47 21.90 -10.92
N PHE A 421 -8.63 20.89 -11.10
CA PHE A 421 -7.23 20.95 -10.66
C PHE A 421 -6.27 20.75 -11.83
N PRO A 422 -6.00 21.83 -12.59
CA PRO A 422 -5.18 21.74 -13.82
C PRO A 422 -3.70 21.57 -13.51
N ASN A 423 -3.02 20.77 -14.31
CA ASN A 423 -1.56 20.56 -14.18
C ASN A 423 -1.15 20.01 -12.82
N TRP A 424 -2.02 19.17 -12.29
CA TRP A 424 -1.93 18.68 -10.94
C TRP A 424 -2.24 17.20 -11.06
N PHE A 425 -1.26 16.38 -10.70
CA PHE A 425 -1.37 14.95 -10.97
C PHE A 425 -1.28 14.17 -9.66
N MET A 426 -1.83 12.97 -9.65
CA MET A 426 -1.75 12.09 -8.48
C MET A 426 -1.06 10.79 -8.89
N VAL A 427 -0.11 10.36 -8.08
CA VAL A 427 0.40 9.01 -8.21
C VAL A 427 -0.36 8.16 -7.19
N LEU A 428 -1.05 7.14 -7.71
CA LEU A 428 -1.90 6.26 -6.90
C LEU A 428 -3.01 7.04 -6.22
N GLY A 429 -3.61 7.95 -7.00
CA GLY A 429 -4.84 8.63 -6.57
C GLY A 429 -5.99 7.65 -6.54
N PRO A 430 -7.19 8.13 -6.19
CA PRO A 430 -8.37 7.24 -6.05
C PRO A 430 -8.74 6.64 -7.40
N ASN A 431 -9.52 5.56 -7.40
CA ASN A 431 -9.99 4.95 -8.66
C ASN A 431 -8.90 4.48 -9.60
N GLY A 432 -7.81 3.93 -9.05
CA GLY A 432 -6.74 3.37 -9.86
C GLY A 432 -6.59 1.88 -9.65
N PRO A 433 -5.50 1.29 -10.17
CA PRO A 433 -5.42 -0.18 -10.23
C PRO A 433 -5.13 -0.90 -8.91
N PHE A 434 -5.64 -2.12 -8.82
CA PHE A 434 -5.44 -3.03 -7.69
C PHE A 434 -4.44 -4.13 -8.09
N THR A 435 -3.21 -3.99 -7.61
CA THR A 435 -2.08 -4.50 -8.32
C THR A 435 -0.84 -4.55 -7.42
N ASN A 436 0.14 -5.38 -7.78
CA ASN A 436 1.51 -5.19 -7.29
C ASN A 436 1.84 -3.75 -7.64
N LEU A 437 2.16 -2.93 -6.65
CA LEU A 437 2.08 -1.48 -6.86
C LEU A 437 3.22 -0.82 -7.68
N PRO A 438 4.50 -1.16 -7.43
CA PRO A 438 5.55 -0.53 -8.25
C PRO A 438 5.35 -0.49 -9.78
N PRO A 439 4.98 -1.61 -10.45
CA PRO A 439 4.69 -1.45 -11.88
C PRO A 439 3.49 -0.54 -12.25
N SER A 440 2.48 -0.44 -11.39
CA SER A 440 1.39 0.55 -11.57
C SER A 440 1.82 1.98 -11.35
N ILE A 441 2.64 2.19 -10.33
CA ILE A 441 3.27 3.47 -10.05
C ILE A 441 4.09 3.90 -11.27
N GLU A 442 4.91 2.98 -11.78
CA GLU A 442 5.71 3.26 -12.97
C GLU A 442 4.80 3.65 -14.11
N THR A 443 3.71 2.90 -14.30
CA THR A 443 2.77 3.17 -15.38
C THR A 443 2.24 4.59 -15.28
N GLN A 444 1.87 5.01 -14.07
CA GLN A 444 1.26 6.32 -13.88
C GLN A 444 2.28 7.45 -14.05
N VAL A 445 3.47 7.31 -13.47
CA VAL A 445 4.54 8.30 -13.58
C VAL A 445 5.00 8.45 -15.05
N GLU A 446 5.11 7.34 -15.75
CA GLU A 446 5.48 7.38 -17.16
C GLU A 446 4.41 8.10 -17.97
N TRP A 447 3.14 7.83 -17.67
CA TRP A 447 2.06 8.59 -18.28
C TRP A 447 2.02 10.09 -17.85
N ILE A 448 2.25 10.38 -16.56
CA ILE A 448 2.25 11.78 -16.09
C ILE A 448 3.33 12.56 -16.86
N SER A 449 4.52 11.96 -16.92
CA SER A 449 5.69 12.53 -17.58
C SER A 449 5.48 12.78 -19.09
N ASP A 450 4.97 11.78 -19.82
CA ASP A 450 4.58 11.99 -21.22
C ASP A 450 3.61 13.15 -21.37
N THR A 451 2.59 13.20 -20.53
CA THR A 451 1.56 14.25 -20.58
C THR A 451 2.18 15.63 -20.35
N ILE A 452 3.14 15.71 -19.43
CA ILE A 452 3.83 16.98 -19.13
C ILE A 452 4.78 17.33 -20.28
N GLY A 453 5.49 16.33 -20.80
CA GLY A 453 6.27 16.49 -22.04
C GLY A 453 5.45 17.05 -23.19
N TYR A 454 4.27 16.49 -23.42
CA TYR A 454 3.38 16.96 -24.47
C TYR A 454 2.93 18.40 -24.23
N ALA A 455 2.58 18.71 -22.99
CA ALA A 455 2.17 20.07 -22.62
C ALA A 455 3.28 21.09 -22.87
N GLU A 456 4.51 20.72 -22.50
CA GLU A 456 5.68 21.58 -22.70
C GLU A 456 6.09 21.74 -24.17
N ARG A 457 6.09 20.63 -24.91
CA ARG A 457 6.41 20.66 -26.34
C ARG A 457 5.44 21.55 -27.08
N ASN A 458 4.15 21.41 -26.77
CA ASN A 458 3.14 22.18 -27.45
C ASN A 458 3.01 23.49 -26.69
N GLY A 459 1.94 24.24 -26.85
CA GLY A 459 1.91 25.47 -26.07
C GLY A 459 1.17 25.41 -24.76
N VAL A 460 0.92 24.20 -24.25
CA VAL A 460 -0.16 24.02 -23.27
C VAL A 460 0.01 24.79 -21.95
N ARG A 461 -0.99 25.59 -21.61
CA ARG A 461 -0.99 26.35 -20.36
C ARG A 461 -1.64 25.57 -19.21
N ALA A 462 -2.58 24.69 -19.54
CA ALA A 462 -3.34 23.98 -18.52
C ALA A 462 -4.02 22.75 -19.10
N ILE A 463 -3.98 21.66 -18.34
CA ILE A 463 -4.67 20.43 -18.71
C ILE A 463 -5.41 19.88 -17.50
N GLU A 464 -6.69 19.60 -17.68
CA GLU A 464 -7.52 19.04 -16.60
C GLU A 464 -8.63 18.17 -17.18
N PRO A 465 -9.07 17.16 -16.41
CA PRO A 465 -10.16 16.30 -16.90
C PRO A 465 -11.47 17.07 -16.92
N THR A 466 -12.35 16.73 -17.84
CA THR A 466 -13.72 17.27 -17.79
C THR A 466 -14.47 16.58 -16.65
N PRO A 467 -15.46 17.28 -16.05
CA PRO A 467 -16.37 16.65 -15.09
C PRO A 467 -17.00 15.36 -15.62
N GLU A 468 -17.34 15.33 -16.91
CA GLU A 468 -17.97 14.17 -17.55
C GLU A 468 -17.03 12.98 -17.71
N ALA A 469 -15.77 13.24 -18.10
CA ALA A 469 -14.77 12.17 -18.14
C ALA A 469 -14.57 11.55 -16.77
N GLU A 470 -14.43 12.40 -15.75
CA GLU A 470 -14.22 11.94 -14.40
C GLU A 470 -15.39 11.08 -13.91
N ALA A 471 -16.62 11.50 -14.23
CA ALA A 471 -17.82 10.74 -13.93
C ALA A 471 -17.90 9.42 -14.70
N GLU A 472 -17.52 9.43 -15.99
CA GLU A 472 -17.51 8.17 -16.77
C GLU A 472 -16.48 7.18 -16.24
N TRP A 473 -15.40 7.69 -15.65
CA TRP A 473 -14.36 6.83 -15.07
C TRP A 473 -14.91 6.14 -13.82
N THR A 474 -15.57 6.89 -12.95
CA THR A 474 -16.29 6.31 -11.79
C THR A 474 -17.26 5.21 -12.26
N GLU A 475 -18.10 5.54 -13.25
CA GLU A 475 -19.00 4.58 -13.90
C GLU A 475 -18.27 3.34 -14.44
N THR A 476 -17.15 3.55 -15.14
CA THR A 476 -16.27 2.46 -15.59
C THR A 476 -15.80 1.57 -14.41
N CYS A 477 -15.18 2.17 -13.40
CA CYS A 477 -14.77 1.45 -12.19
C CYS A 477 -15.94 0.73 -11.52
N THR A 478 -17.08 1.42 -11.42
CA THR A 478 -18.28 0.87 -10.79
C THR A 478 -18.79 -0.37 -11.51
N GLU A 479 -18.72 -0.36 -12.85
CA GLU A 479 -19.20 -1.49 -13.65
C GLU A 479 -18.27 -2.71 -13.60
N ILE A 480 -16.96 -2.49 -13.45
CA ILE A 480 -16.04 -3.59 -13.20
C ILE A 480 -16.33 -4.15 -11.79
N ALA A 481 -16.43 -3.26 -10.81
CA ALA A 481 -16.64 -3.64 -9.41
C ALA A 481 -17.97 -4.37 -9.16
N ASN A 482 -18.97 -4.13 -10.01
CA ASN A 482 -20.29 -4.77 -9.87
C ASN A 482 -20.24 -6.28 -10.07
N ALA A 483 -19.30 -6.75 -10.88
CA ALA A 483 -19.14 -8.18 -11.14
C ALA A 483 -18.61 -8.95 -9.93
N THR A 484 -17.77 -8.28 -9.14
CA THR A 484 -17.09 -8.89 -7.98
C THR A 484 -17.98 -8.98 -6.75
N LEU A 485 -17.51 -9.69 -5.72
CA LEU A 485 -18.38 -10.11 -4.60
C LEU A 485 -18.55 -9.11 -3.46
N PHE A 486 -17.51 -8.32 -3.18
CA PHE A 486 -17.44 -7.39 -2.04
C PHE A 486 -17.36 -8.11 -0.70
N VAL A 505 -13.62 1.75 -0.50
CA VAL A 505 -12.80 2.39 -1.53
C VAL A 505 -12.98 1.73 -2.91
N LEU A 506 -13.09 2.57 -3.93
CA LEU A 506 -13.35 2.12 -5.28
C LEU A 506 -12.08 2.15 -6.08
N PHE A 507 -11.59 0.97 -6.44
CA PHE A 507 -10.45 0.85 -7.33
C PHE A 507 -10.98 0.58 -8.74
N TYR A 508 -10.10 0.82 -9.70
CA TYR A 508 -10.20 0.25 -11.04
C TYR A 508 -9.77 -1.22 -10.95
N LEU A 509 -10.69 -2.14 -11.23
CA LEU A 509 -10.42 -3.57 -11.04
C LEU A 509 -10.23 -4.41 -12.31
N GLY A 510 -9.96 -3.73 -13.42
CA GLY A 510 -9.74 -4.40 -14.70
C GLY A 510 -8.34 -4.98 -14.84
N GLY A 511 -7.44 -4.65 -13.92
CA GLY A 511 -6.09 -5.18 -13.94
C GLY A 511 -5.09 -4.31 -14.67
N LEU A 512 -3.81 -4.64 -14.49
CA LEU A 512 -2.72 -3.81 -14.99
C LEU A 512 -2.66 -3.74 -16.51
N ARG A 513 -2.86 -4.88 -17.17
CA ARG A 513 -2.77 -4.91 -18.61
C ARG A 513 -3.86 -4.00 -19.18
N ASN A 514 -5.10 -4.15 -18.69
CA ASN A 514 -6.22 -3.31 -19.15
C ASN A 514 -6.01 -1.83 -18.82
N TYR A 515 -5.47 -1.55 -17.64
CA TYR A 515 -5.20 -0.17 -17.21
C TYR A 515 -4.18 0.50 -18.12
N ARG A 516 -3.09 -0.22 -18.44
CA ARG A 516 -2.05 0.28 -19.34
C ARG A 516 -2.55 0.61 -20.76
N ALA A 517 -3.41 -0.24 -21.31
CA ALA A 517 -4.08 0.00 -22.59
C ALA A 517 -4.98 1.22 -22.54
N VAL A 518 -5.75 1.36 -21.46
CA VAL A 518 -6.61 2.53 -21.23
C VAL A 518 -5.79 3.82 -21.20
N MET A 519 -4.68 3.82 -20.46
CA MET A 519 -3.81 5.00 -20.30
C MET A 519 -3.19 5.40 -21.63
N ALA A 520 -2.70 4.41 -22.37
CA ALA A 520 -2.03 4.63 -23.65
C ALA A 520 -3.01 5.11 -24.71
N GLU A 521 -4.24 4.59 -24.69
CA GLU A 521 -5.26 4.99 -25.65
C GLU A 521 -5.74 6.40 -25.41
N VAL A 522 -5.81 6.79 -24.14
CA VAL A 522 -6.19 8.16 -23.78
C VAL A 522 -5.18 9.13 -24.38
N ALA A 523 -3.89 8.84 -24.17
CA ALA A 523 -2.78 9.59 -24.77
C ALA A 523 -2.80 9.58 -26.30
N ALA A 524 -3.02 8.40 -26.91
CA ALA A 524 -3.04 8.28 -28.38
C ALA A 524 -4.22 9.02 -28.99
N ASP A 525 -5.29 9.18 -28.23
CA ASP A 525 -6.50 9.81 -28.73
C ASP A 525 -6.49 11.31 -28.44
N GLY A 526 -5.29 11.90 -28.42
CA GLY A 526 -5.13 13.31 -28.16
C GLY A 526 -5.67 13.72 -26.81
N TYR A 527 -5.34 12.94 -25.77
CA TYR A 527 -5.78 13.20 -24.39
C TYR A 527 -7.31 13.29 -24.25
N ARG A 528 -7.96 12.17 -24.57
CA ARG A 528 -9.41 12.03 -24.49
C ARG A 528 -9.86 12.33 -23.08
N GLY A 529 -10.86 13.21 -22.97
CA GLY A 529 -11.46 13.52 -21.66
C GLY A 529 -10.77 14.65 -20.89
N PHE A 530 -9.73 15.20 -21.48
CA PHE A 530 -9.08 16.37 -20.92
C PHE A 530 -9.44 17.65 -21.68
N GLU A 531 -9.65 18.72 -20.91
CA GLU A 531 -9.78 20.07 -21.40
C GLU A 531 -8.38 20.69 -21.41
N VAL A 532 -7.98 21.16 -22.59
CA VAL A 532 -6.64 21.66 -22.82
C VAL A 532 -6.73 23.16 -23.14
N LYS A 533 -6.01 23.94 -22.34
CA LYS A 533 -5.86 25.37 -22.58
C LYS A 533 -4.55 25.61 -23.33
N SER A 534 -4.67 25.92 -24.61
CA SER A 534 -3.54 26.06 -25.53
C SER A 534 -2.78 27.37 -25.30
PA FAD B . 4.50 6.33 0.21
O1A FAD B . 3.43 6.11 1.24
O2A FAD B . 5.58 5.30 0.32
O5B FAD B . 5.21 7.77 0.27
C5B FAD B . 4.45 8.94 0.40
C4B FAD B . 5.30 9.99 1.10
O4B FAD B . 4.63 11.22 0.97
C3B FAD B . 5.47 9.73 2.60
O3B FAD B . 6.84 9.54 2.92
C2B FAD B . 4.95 10.99 3.26
O2B FAD B . 5.78 11.43 4.32
C1B FAD B . 4.96 11.99 2.10
N9A FAD B . 3.98 13.07 2.27
C8A FAD B . 2.60 12.93 2.35
N7A FAD B . 2.08 14.17 2.50
C5A FAD B . 3.09 15.08 2.50
C6A FAD B . 3.12 16.46 2.62
N6A FAD B . 1.99 17.14 2.79
N1A FAD B . 4.33 17.13 2.58
C2A FAD B . 5.51 16.42 2.44
N3A FAD B . 5.47 15.05 2.31
C4A FAD B . 4.29 14.39 2.35
N1 FAD B . 2.51 -2.68 -2.02
C2 FAD B . 2.77 -3.65 -2.97
O2 FAD B . 2.42 -3.49 -4.13
N3 FAD B . 3.41 -4.81 -2.64
C4 FAD B . 3.82 -5.00 -1.35
O4 FAD B . 4.40 -6.04 -1.04
C4X FAD B . 3.57 -4.05 -0.37
N5 FAD B . 3.97 -4.27 0.92
C5X FAD B . 3.73 -3.31 1.89
C6 FAD B . 4.16 -3.57 3.18
C7 FAD B . 3.93 -2.64 4.20
C7M FAD B . 4.42 -2.96 5.58
C8 FAD B . 3.29 -1.45 3.90
C8M FAD B . 3.05 -0.42 5.00
C9 FAD B . 2.87 -1.19 2.59
C9A FAD B . 3.09 -2.11 1.57
N10 FAD B . 2.68 -1.88 0.25
C10 FAD B . 2.91 -2.86 -0.70
C1' FAD B . 1.99 -0.61 -0.17
C2' FAD B . 3.01 0.51 -0.38
O2' FAD B . 2.47 1.69 0.19
C3' FAD B . 3.41 0.75 -1.85
O3' FAD B . 3.94 -0.43 -2.41
C4' FAD B . 4.45 1.87 -2.09
O4' FAD B . 5.48 1.86 -1.12
C5' FAD B . 3.77 3.23 -2.07
O5' FAD B . 4.68 4.25 -2.47
P FAD B . 4.12 5.74 -2.60
O1P FAD B . 5.25 6.60 -3.10
O2P FAD B . 2.91 5.78 -3.50
O3P FAD B . 3.65 6.31 -1.17
PA NAP C . -5.48 -2.10 9.36
O1A NAP C . -6.50 -1.03 9.30
O2A NAP C . -5.48 -2.96 8.16
O5B NAP C . -5.73 -2.96 10.70
C5B NAP C . -6.13 -2.32 11.89
C4B NAP C . -6.38 -3.39 12.94
O4B NAP C . -6.63 -2.76 14.19
C3B NAP C . -7.62 -4.22 12.63
O3B NAP C . -7.45 -5.50 13.22
C2B NAP C . -8.69 -3.46 13.36
O2B NAP C . -9.79 -4.30 13.62
C1B NAP C . -7.95 -3.02 14.62
N9A NAP C . -8.49 -1.79 15.27
C8A NAP C . -8.62 -0.55 14.71
N7A NAP C . -9.12 0.29 15.65
C5A NAP C . -9.29 -0.39 16.81
C6A NAP C . -9.77 -0.01 18.06
N6A NAP C . -10.17 1.23 18.30
N1A NAP C . -9.84 -0.95 19.06
C2A NAP C . -9.44 -2.25 18.82
N3A NAP C . -8.96 -2.62 17.58
C4A NAP C . -8.89 -1.71 16.58
O3 NAP C . -4.02 -1.43 9.64
PN NAP C . -2.55 -2.02 9.26
O1N NAP C . -2.52 -3.50 9.36
O2N NAP C . -1.58 -1.23 10.07
O5D NAP C . -2.34 -1.58 7.73
C5D NAP C . -2.44 -0.19 7.40
C4D NAP C . -2.84 0.03 5.95
O4D NAP C . -1.73 -0.24 5.12
C3D NAP C . -3.98 -0.86 5.49
O3D NAP C . -4.95 -0.05 4.86
C2D NAP C . -3.39 -1.85 4.50
O2D NAP C . -4.15 -1.95 3.32
C1D NAP C . -2.01 -1.27 4.19
N1N NAP C . -0.97 -2.32 4.25
C2N NAP C . -0.61 -2.96 3.10
C3N NAP C . 0.36 -3.95 3.13
C7N NAP C . 0.73 -4.63 1.87
O7N NAP C . 1.43 -5.86 1.96
N7N NAP C . 0.42 -4.07 0.71
C4N NAP C . 0.99 -4.29 4.33
C5N NAP C . 0.64 -3.63 5.50
C6N NAP C . -0.35 -2.64 5.45
P2B NAP C . -11.10 -4.18 12.69
O1X NAP C . -10.90 -5.05 11.46
O2X NAP C . -12.30 -4.63 13.50
O3X NAP C . -11.29 -2.76 12.24
#